data_2O48
#
_entry.id   2O48
#
_cell.length_a   122.853
_cell.length_b   122.853
_cell.length_c   121.664
_cell.angle_alpha   90.00
_cell.angle_beta   90.00
_cell.angle_gamma   120.00
#
_symmetry.space_group_name_H-M   'P 61 2 2'
#
loop_
_entity.id
_entity.type
_entity.pdbx_description
1 polymer 'Dimeric dihydrodiol dehydrogenase'
2 non-polymer 'SULFATE ION'
3 non-polymer P-HYDROXYACETOPHENONE
4 non-polymer BETA-MERCAPTOETHANOL
5 water water
#
_entity_poly.entity_id   1
_entity_poly.type   'polypeptide(L)'
_entity_poly.pdbx_seq_one_letter_code
;MALRWGIVSVGLISSDFTAVLQTLPRSEHQVVAVAARDLSRAKEFAQKHDIPKAYGSYEELAKDPNVEVAYVGTQHPQHK
AAVMLCLAAGKAVLCEKPMGVNAAEVREMVTEARSRGLFLMEAIWTRFFPASEALRSVLAQGTLGDLRVARAEFGKNLTH
VPRAVDWAQAGGALLDLGIYCVQFISMVFGGQKPEKISVMGRRHETGVDDTVTVLLQYPGEVHGSFTCSITAQLSNTASV
SGTKGMAQLLNPCWCPTELVVKGEHKEFLLPPVPKNCNFDNGAGMSYEAKHVRECLRKGLKESPVIPLVESELLADILEE
VRRAIGVTFPQDKH
;
_entity_poly.pdbx_strand_id   X
#
# COMPACT_ATOMS: atom_id res chain seq x y z
N ALA A 2 8.56 -15.82 17.80
CA ALA A 2 8.59 -14.54 17.04
C ALA A 2 8.36 -14.80 15.58
N LEU A 3 7.60 -13.90 14.94
CA LEU A 3 7.45 -13.88 13.51
C LEU A 3 8.80 -13.46 12.96
N ARG A 4 9.40 -14.35 12.17
CA ARG A 4 10.74 -14.11 11.64
C ARG A 4 10.66 -13.53 10.22
N TRP A 5 11.09 -12.28 10.09
CA TRP A 5 11.03 -11.51 8.85
C TRP A 5 12.30 -11.53 8.03
N GLY A 6 12.17 -11.63 6.71
CA GLY A 6 13.25 -11.38 5.78
C GLY A 6 12.97 -10.18 4.87
N ILE A 7 13.97 -9.33 4.62
CA ILE A 7 13.74 -8.04 4.00
C ILE A 7 14.29 -8.12 2.62
N VAL A 8 13.43 -7.95 1.61
CA VAL A 8 13.88 -8.01 0.25
C VAL A 8 14.01 -6.61 -0.28
N SER A 9 15.26 -6.26 -0.61
CA SER A 9 15.63 -4.92 -1.11
C SER A 9 16.03 -4.03 0.03
N VAL A 10 16.92 -3.08 -0.24
CA VAL A 10 17.54 -2.28 0.81
C VAL A 10 17.44 -0.79 0.49
N GLY A 11 16.33 -0.39 -0.11
CA GLY A 11 16.10 1.03 -0.46
C GLY A 11 15.39 1.72 0.70
N LEU A 12 15.05 2.96 0.45
CA LEU A 12 14.48 3.81 1.49
C LEU A 12 13.31 3.19 2.28
N ILE A 13 12.36 2.63 1.53
CA ILE A 13 11.21 2.06 2.20
C ILE A 13 11.53 0.76 3.00
N SER A 14 12.45 -0.08 2.53
CA SER A 14 12.93 -1.17 3.37
C SER A 14 13.58 -0.67 4.67
N SER A 15 14.31 0.46 4.61
CA SER A 15 14.87 1.04 5.84
C SER A 15 13.83 1.33 6.89
N ASP A 16 12.81 2.09 6.49
CA ASP A 16 11.75 2.51 7.37
C ASP A 16 11.10 1.29 7.96
N PHE A 17 10.85 0.29 7.11
CA PHE A 17 10.10 -0.87 7.57
C PHE A 17 10.92 -1.67 8.54
N THR A 18 12.20 -1.85 8.23
CA THR A 18 13.09 -2.57 9.08
C THR A 18 13.23 -1.86 10.39
N ALA A 19 13.37 -0.55 10.32
CA ALA A 19 13.44 0.27 11.53
C ALA A 19 12.18 0.10 12.41
N VAL A 20 11.01 0.06 11.79
CA VAL A 20 9.78 -0.04 12.53
C VAL A 20 9.77 -1.43 13.18
N LEU A 21 10.10 -2.46 12.40
CA LEU A 21 10.04 -3.81 12.90
C LEU A 21 10.93 -3.94 14.14
N GLN A 22 12.08 -3.26 14.12
CA GLN A 22 13.03 -3.31 15.23
C GLN A 22 12.57 -2.54 16.45
N THR A 23 11.39 -1.95 16.40
CA THR A 23 10.84 -1.36 17.62
C THR A 23 9.78 -2.21 18.24
N LEU A 24 9.47 -3.36 17.63
CA LEU A 24 8.34 -4.14 18.14
C LEU A 24 8.80 -5.13 19.21
N PRO A 25 7.85 -5.65 20.05
CA PRO A 25 8.30 -6.55 21.13
C PRO A 25 9.05 -7.71 20.50
N ARG A 26 10.23 -8.03 21.03
CA ARG A 26 11.20 -8.91 20.39
C ARG A 26 10.77 -10.39 20.36
N SER A 27 9.82 -10.71 21.23
CA SER A 27 9.18 -12.01 21.27
C SER A 27 8.01 -12.05 20.28
N GLU A 28 7.67 -10.90 19.70
CA GLU A 28 6.67 -10.82 18.64
C GLU A 28 7.26 -10.78 17.20
N HIS A 29 8.39 -10.10 16.97
CA HIS A 29 8.98 -9.93 15.62
C HIS A 29 10.49 -9.99 15.63
N GLN A 30 11.11 -10.71 14.73
CA GLN A 30 12.57 -10.67 14.61
C GLN A 30 12.92 -10.49 13.13
N VAL A 31 13.89 -9.62 12.83
CA VAL A 31 14.41 -9.45 11.48
C VAL A 31 15.69 -10.24 11.41
N VAL A 32 15.67 -11.20 10.52
CA VAL A 32 16.52 -12.38 10.56
C VAL A 32 17.39 -12.45 9.31
N ALA A 33 16.98 -11.80 8.23
CA ALA A 33 17.77 -11.81 7.02
C ALA A 33 17.43 -10.60 6.19
N VAL A 34 18.28 -10.31 5.20
CA VAL A 34 18.07 -9.24 4.24
C VAL A 34 18.77 -9.62 2.95
N ALA A 35 18.14 -9.34 1.82
CA ALA A 35 18.75 -9.61 0.52
C ALA A 35 18.80 -8.32 -0.31
N ALA A 36 19.84 -8.19 -1.14
CA ALA A 36 19.92 -7.09 -2.08
C ALA A 36 20.38 -7.68 -3.38
N ARG A 37 20.47 -6.87 -4.45
CA ARG A 37 20.99 -7.41 -5.68
C ARG A 37 22.53 -7.55 -5.75
N ASP A 38 23.25 -7.04 -4.77
CA ASP A 38 24.62 -7.51 -4.55
C ASP A 38 24.95 -7.60 -3.07
N LEU A 39 25.86 -8.52 -2.74
CA LEU A 39 26.24 -8.85 -1.35
C LEU A 39 26.70 -7.69 -0.51
N SER A 40 27.41 -6.73 -1.09
CA SER A 40 27.93 -5.61 -0.29
C SER A 40 26.85 -4.64 0.17
N ARG A 41 25.96 -4.28 -0.75
CA ARG A 41 24.81 -3.43 -0.44
C ARG A 41 23.99 -4.04 0.73
N ALA A 42 23.87 -5.38 0.75
CA ALA A 42 23.20 -6.14 1.81
C ALA A 42 23.97 -6.23 3.13
N LYS A 43 25.28 -6.50 3.07
CA LYS A 43 26.09 -6.49 4.32
C LYS A 43 26.00 -5.12 4.97
N GLU A 44 26.12 -4.05 4.18
CA GLU A 44 26.00 -2.69 4.76
C GLU A 44 24.64 -2.39 5.49
N PHE A 45 23.52 -2.70 4.81
CA PHE A 45 22.23 -2.59 5.43
C PHE A 45 22.14 -3.42 6.71
N ALA A 46 22.55 -4.68 6.66
CA ALA A 46 22.49 -5.59 7.83
C ALA A 46 23.32 -5.12 9.02
N GLN A 47 24.50 -4.55 8.73
CA GLN A 47 25.36 -3.92 9.73
C GLN A 47 24.57 -2.76 10.33
N LYS A 48 24.22 -1.79 9.50
CA LYS A 48 23.46 -0.61 9.94
C LYS A 48 22.19 -0.95 10.72
N HIS A 49 21.52 -2.07 10.41
CA HIS A 49 20.18 -2.36 10.98
C HIS A 49 20.12 -3.58 11.88
N ASP A 50 21.28 -4.17 12.19
CA ASP A 50 21.39 -5.22 13.21
C ASP A 50 20.64 -6.49 12.80
N ILE A 51 20.92 -6.94 11.57
CA ILE A 51 20.31 -8.14 11.00
C ILE A 51 21.41 -9.15 10.87
N PRO A 52 21.26 -10.31 11.50
CA PRO A 52 22.27 -11.37 11.48
C PRO A 52 22.68 -11.95 10.15
N LYS A 53 21.84 -11.91 9.11
CA LYS A 53 22.17 -12.65 7.89
C LYS A 53 21.96 -11.78 6.67
N ALA A 54 22.88 -11.84 5.69
CA ALA A 54 22.86 -10.93 4.53
C ALA A 54 23.03 -11.70 3.22
N TYR A 55 22.30 -11.35 2.16
CA TYR A 55 22.38 -12.14 0.95
C TYR A 55 22.57 -11.23 -0.25
N GLY A 56 23.21 -11.73 -1.29
CA GLY A 56 23.40 -10.98 -2.50
C GLY A 56 22.45 -11.36 -3.61
N SER A 57 21.47 -12.19 -3.29
CA SER A 57 20.35 -12.37 -4.19
C SER A 57 19.07 -12.61 -3.37
N TYR A 58 17.91 -12.33 -3.99
CA TYR A 58 16.60 -12.55 -3.34
C TYR A 58 16.35 -14.05 -3.22
N GLU A 59 16.74 -14.80 -4.25
CA GLU A 59 16.59 -16.27 -4.24
C GLU A 59 17.19 -16.90 -2.97
N GLU A 60 18.34 -16.42 -2.50
CA GLU A 60 18.98 -16.94 -1.31
C GLU A 60 18.21 -16.65 -0.06
N LEU A 61 17.59 -15.48 0.00
CA LEU A 61 16.64 -15.17 1.05
C LEU A 61 15.38 -16.01 0.94
N ALA A 62 14.81 -16.15 -0.27
CA ALA A 62 13.65 -17.05 -0.45
C ALA A 62 13.91 -18.42 0.19
N LYS A 63 15.13 -18.89 0.01
CA LYS A 63 15.57 -20.27 0.38
C LYS A 63 16.06 -20.46 1.84
N ASP A 64 16.25 -19.35 2.54
CA ASP A 64 16.59 -19.39 3.96
C ASP A 64 15.45 -20.06 4.76
N PRO A 65 15.70 -21.26 5.34
CA PRO A 65 14.59 -21.92 6.07
C PRO A 65 14.26 -21.15 7.39
N ASN A 66 15.04 -20.14 7.71
CA ASN A 66 14.75 -19.33 8.87
C ASN A 66 13.67 -18.21 8.78
N VAL A 67 13.46 -17.74 7.56
CA VAL A 67 12.47 -16.74 7.23
C VAL A 67 11.11 -17.41 7.15
N GLU A 68 10.14 -16.80 7.82
CA GLU A 68 8.75 -17.22 7.75
C GLU A 68 7.94 -16.34 6.82
N VAL A 69 8.18 -15.01 6.89
CA VAL A 69 7.52 -14.03 6.04
C VAL A 69 8.54 -13.08 5.39
N ALA A 70 8.37 -12.82 4.09
CA ALA A 70 9.25 -11.91 3.34
C ALA A 70 8.56 -10.55 3.08
N TYR A 71 9.29 -9.46 3.32
CA TYR A 71 8.74 -8.15 3.03
C TYR A 71 9.34 -7.71 1.68
N VAL A 72 8.51 -7.43 0.69
CA VAL A 72 9.05 -7.17 -0.63
C VAL A 72 8.92 -5.69 -0.79
N GLY A 73 10.05 -5.00 -0.66
CA GLY A 73 10.08 -3.53 -0.68
C GLY A 73 10.75 -2.99 -1.92
N THR A 74 10.84 -3.79 -2.98
CA THR A 74 11.50 -3.32 -4.20
C THR A 74 10.64 -2.25 -4.91
N GLN A 75 11.17 -1.74 -6.00
CA GLN A 75 10.47 -0.75 -6.79
C GLN A 75 9.39 -1.34 -7.62
N HIS A 76 8.47 -0.54 -8.17
CA HIS A 76 7.22 -1.06 -8.73
C HIS A 76 7.44 -2.28 -9.67
N PRO A 77 8.30 -2.15 -10.72
CA PRO A 77 8.32 -3.25 -11.68
C PRO A 77 8.97 -4.54 -11.14
N GLN A 78 9.75 -4.41 -10.05
CA GLN A 78 10.42 -5.58 -9.48
C GLN A 78 9.62 -6.39 -8.44
N HIS A 79 8.39 -5.99 -8.09
CA HIS A 79 7.62 -6.72 -7.07
C HIS A 79 7.29 -8.10 -7.58
N LYS A 80 6.80 -8.22 -8.81
CA LYS A 80 6.20 -9.49 -9.18
C LYS A 80 7.19 -10.66 -9.11
N ALA A 81 8.37 -10.51 -9.73
CA ALA A 81 9.35 -11.61 -9.74
C ALA A 81 9.82 -11.96 -8.32
N ALA A 82 9.93 -10.97 -7.41
CA ALA A 82 10.37 -11.21 -6.03
C ALA A 82 9.32 -11.92 -5.19
N VAL A 83 8.07 -11.47 -5.35
CA VAL A 83 6.97 -12.14 -4.66
C VAL A 83 6.91 -13.59 -5.11
N MET A 84 6.97 -13.83 -6.43
CA MET A 84 6.85 -15.20 -6.93
C MET A 84 7.97 -16.09 -6.37
N LEU A 85 9.20 -15.54 -6.24
CA LEU A 85 10.31 -16.33 -5.75
C LEU A 85 9.99 -16.72 -4.34
N CYS A 86 9.48 -15.75 -3.58
CA CYS A 86 9.19 -16.05 -2.20
C CYS A 86 8.09 -17.09 -2.07
N LEU A 87 7.06 -16.98 -2.89
CA LEU A 87 5.88 -17.86 -2.75
C LEU A 87 6.28 -19.28 -3.13
N ALA A 88 7.04 -19.41 -4.22
CA ALA A 88 7.55 -20.74 -4.64
C ALA A 88 8.35 -21.47 -3.57
N ALA A 89 9.03 -20.71 -2.71
CA ALA A 89 9.95 -21.24 -1.70
C ALA A 89 9.24 -21.39 -0.39
N GLY A 90 7.95 -21.07 -0.36
CA GLY A 90 7.10 -21.33 0.80
C GLY A 90 7.01 -20.22 1.81
N LYS A 91 7.36 -18.97 1.45
CA LYS A 91 7.25 -17.88 2.48
C LYS A 91 5.94 -17.14 2.40
N ALA A 92 5.38 -16.70 3.52
CA ALA A 92 4.26 -15.76 3.47
C ALA A 92 4.87 -14.47 2.94
N VAL A 93 4.08 -13.63 2.30
CA VAL A 93 4.64 -12.38 1.74
C VAL A 93 3.81 -11.14 2.02
N LEU A 94 4.48 -10.08 2.50
CA LEU A 94 3.90 -8.75 2.52
C LEU A 94 4.60 -7.96 1.40
N CYS A 95 3.83 -7.55 0.40
CA CYS A 95 4.35 -6.90 -0.82
C CYS A 95 3.99 -5.44 -0.77
N GLU A 96 4.96 -4.57 -1.03
CA GLU A 96 4.66 -3.15 -1.12
C GLU A 96 3.69 -2.81 -2.26
N LYS A 97 3.12 -1.60 -2.12
CA LYS A 97 2.05 -1.07 -2.95
C LYS A 97 2.66 -0.31 -4.18
N PRO A 98 2.02 -0.34 -5.35
CA PRO A 98 0.91 -1.26 -5.63
C PRO A 98 1.57 -2.63 -5.84
N MET A 99 0.81 -3.67 -5.51
CA MET A 99 1.37 -4.98 -5.48
C MET A 99 2.00 -5.20 -6.84
N GLY A 100 1.26 -4.92 -7.92
CA GLY A 100 1.81 -5.06 -9.25
C GLY A 100 1.53 -3.86 -10.15
N VAL A 101 2.14 -3.90 -11.32
CA VAL A 101 2.11 -2.81 -12.25
C VAL A 101 0.81 -2.81 -13.08
N ASN A 102 0.19 -3.96 -13.29
CA ASN A 102 -1.13 -4.03 -13.90
C ASN A 102 -1.91 -5.18 -13.29
N ALA A 103 -3.13 -5.38 -13.76
CA ALA A 103 -3.96 -6.39 -13.15
C ALA A 103 -3.42 -7.84 -13.35
N ALA A 104 -2.71 -8.10 -14.43
CA ALA A 104 -2.37 -9.49 -14.71
C ALA A 104 -1.26 -9.89 -13.73
N GLU A 105 -0.36 -8.95 -13.38
CA GLU A 105 0.63 -9.20 -12.39
C GLU A 105 0.00 -9.57 -11.05
N VAL A 106 -1.04 -8.82 -10.66
CA VAL A 106 -1.72 -9.10 -9.42
C VAL A 106 -2.40 -10.46 -9.43
N ARG A 107 -3.16 -10.80 -10.48
CA ARG A 107 -3.83 -12.12 -10.56
C ARG A 107 -2.78 -13.19 -10.50
N GLU A 108 -1.62 -12.94 -11.07
CA GLU A 108 -0.67 -14.01 -11.17
C GLU A 108 -0.04 -14.27 -9.79
N MET A 109 0.19 -13.20 -8.99
CA MET A 109 0.68 -13.38 -7.66
C MET A 109 -0.39 -14.03 -6.82
N VAL A 110 -1.62 -13.57 -6.93
CA VAL A 110 -2.71 -14.06 -6.08
C VAL A 110 -2.97 -15.57 -6.31
N THR A 111 -2.93 -15.97 -7.56
CA THR A 111 -3.13 -17.34 -7.93
C THR A 111 -2.02 -18.22 -7.34
N GLU A 112 -0.76 -17.78 -7.38
CA GLU A 112 0.34 -18.55 -6.81
C GLU A 112 0.14 -18.72 -5.30
N ALA A 113 -0.08 -17.60 -4.62
CA ALA A 113 -0.30 -17.62 -3.17
C ALA A 113 -1.40 -18.61 -2.84
N ARG A 114 -2.48 -18.57 -3.60
CA ARG A 114 -3.70 -19.35 -3.32
C ARG A 114 -3.44 -20.82 -3.52
N SER A 115 -2.70 -21.16 -4.58
CA SER A 115 -2.47 -22.54 -4.92
C SER A 115 -1.44 -23.18 -3.99
N ARG A 116 -0.59 -22.36 -3.40
CA ARG A 116 0.44 -22.86 -2.49
C ARG A 116 0.01 -22.79 -1.02
N GLY A 117 -1.20 -22.32 -0.77
CA GLY A 117 -1.70 -22.26 0.59
C GLY A 117 -0.97 -21.26 1.49
N LEU A 118 -0.50 -20.16 0.91
CA LEU A 118 0.40 -19.23 1.59
C LEU A 118 -0.17 -17.81 1.68
N PHE A 119 0.07 -17.13 2.80
CA PHE A 119 -0.37 -15.74 3.06
C PHE A 119 0.30 -14.73 2.15
N LEU A 120 -0.53 -13.88 1.53
CA LEU A 120 -0.05 -12.77 0.71
C LEU A 120 -0.87 -11.56 1.12
N MET A 121 -0.22 -10.42 1.27
CA MET A 121 -0.97 -9.17 1.49
C MET A 121 -0.28 -8.02 0.83
N GLU A 122 -1.07 -7.11 0.27
CA GLU A 122 -0.54 -5.85 -0.27
C GLU A 122 -0.42 -4.85 0.86
N ALA A 123 0.70 -4.15 0.93
CA ALA A 123 0.96 -3.33 2.11
C ALA A 123 0.35 -1.94 2.00
N ILE A 124 -1.00 -1.91 1.96
CA ILE A 124 -1.71 -0.63 1.91
C ILE A 124 -1.83 -0.13 3.35
N TRP A 125 -0.75 0.48 3.81
CA TRP A 125 -0.55 0.66 5.24
C TRP A 125 -1.60 1.55 5.86
N THR A 126 -2.13 2.46 5.06
CA THR A 126 -3.14 3.43 5.47
C THR A 126 -4.32 2.75 6.15
N ARG A 127 -4.70 1.55 5.68
CA ARG A 127 -5.86 0.84 6.20
C ARG A 127 -5.76 0.48 7.68
N PHE A 128 -4.55 0.35 8.21
CA PHE A 128 -4.39 -0.11 9.57
C PHE A 128 -4.20 1.02 10.58
N PHE A 129 -4.19 2.25 10.11
CA PHE A 129 -4.05 3.38 11.00
C PHE A 129 -5.31 3.44 11.83
N PRO A 130 -5.13 3.63 13.14
CA PRO A 130 -6.30 3.78 14.03
C PRO A 130 -7.34 4.73 13.48
N ALA A 131 -6.93 5.87 12.91
CA ALA A 131 -7.93 6.77 12.26
C ALA A 131 -8.75 6.16 11.12
N SER A 132 -8.14 5.26 10.32
CA SER A 132 -8.93 4.56 9.30
C SER A 132 -9.85 3.56 9.91
N GLU A 133 -9.39 2.89 10.96
CA GLU A 133 -10.22 1.88 11.66
C GLU A 133 -11.44 2.59 12.24
N ALA A 134 -11.19 3.70 12.91
CA ALA A 134 -12.27 4.47 13.47
C ALA A 134 -13.22 4.95 12.36
N LEU A 135 -12.69 5.28 11.19
CA LEU A 135 -13.59 5.65 10.16
C LEU A 135 -14.45 4.48 9.79
N ARG A 136 -13.87 3.28 9.60
CA ARG A 136 -14.73 2.08 9.26
C ARG A 136 -15.83 1.84 10.29
N SER A 137 -15.52 2.17 11.53
CA SER A 137 -16.46 1.93 12.59
C SER A 137 -17.65 2.92 12.51
N VAL A 138 -17.33 4.18 12.25
CA VAL A 138 -18.33 5.19 11.97
C VAL A 138 -19.24 4.69 10.84
N LEU A 139 -18.67 4.16 9.75
CA LEU A 139 -19.52 3.67 8.62
C LEU A 139 -20.41 2.52 9.04
N ALA A 140 -19.83 1.57 9.75
CA ALA A 140 -20.58 0.41 10.25
C ALA A 140 -21.74 0.86 11.18
N GLN A 141 -21.60 1.99 11.85
CA GLN A 141 -22.55 2.37 12.88
C GLN A 141 -23.71 3.18 12.30
N GLY A 142 -23.63 3.53 11.02
CA GLY A 142 -24.66 4.33 10.42
C GLY A 142 -24.66 5.79 10.82
N THR A 143 -23.52 6.28 11.24
CA THR A 143 -23.45 7.56 11.91
C THR A 143 -23.68 8.72 10.94
N LEU A 144 -23.26 8.52 9.69
CA LEU A 144 -23.46 9.49 8.64
C LEU A 144 -24.79 9.35 7.93
N GLY A 145 -25.63 8.43 8.37
CA GLY A 145 -26.90 8.20 7.61
C GLY A 145 -26.65 7.39 6.32
N ASP A 146 -27.55 7.42 5.34
CA ASP A 146 -27.29 6.69 4.09
C ASP A 146 -26.22 7.43 3.33
N LEU A 147 -25.32 6.71 2.72
CA LEU A 147 -24.21 7.38 2.11
C LEU A 147 -24.61 8.01 0.78
N ARG A 148 -23.79 8.96 0.31
CA ARG A 148 -24.08 9.66 -0.94
C ARG A 148 -22.84 9.71 -1.85
N VAL A 149 -21.70 10.13 -1.29
CA VAL A 149 -20.54 10.46 -2.08
C VAL A 149 -19.25 10.39 -1.26
N ALA A 150 -18.17 9.91 -1.91
CA ALA A 150 -16.85 9.89 -1.29
C ALA A 150 -15.88 10.73 -2.14
N ARG A 151 -14.84 11.23 -1.51
CA ARG A 151 -13.84 12.05 -2.17
C ARG A 151 -12.44 11.89 -1.60
N ALA A 152 -11.46 11.85 -2.49
CA ALA A 152 -10.06 11.77 -2.10
C ALA A 152 -9.17 12.61 -3.02
N GLU A 153 -8.06 13.08 -2.46
CA GLU A 153 -7.07 13.85 -3.19
C GLU A 153 -5.69 13.47 -2.71
N PHE A 154 -4.74 13.33 -3.62
CA PHE A 154 -3.34 13.25 -3.18
C PHE A 154 -2.49 13.78 -4.32
N GLY A 155 -1.94 14.98 -4.18
CA GLY A 155 -0.97 15.49 -5.12
C GLY A 155 0.05 16.35 -4.43
N LYS A 156 1.29 16.22 -4.87
CA LYS A 156 2.42 17.00 -4.41
C LYS A 156 3.29 17.24 -5.66
N ASN A 157 4.12 18.28 -5.68
CA ASN A 157 5.16 18.32 -6.68
C ASN A 157 6.25 17.31 -6.41
N LEU A 158 6.28 16.26 -7.18
CA LEU A 158 7.25 15.16 -6.96
C LEU A 158 8.18 15.05 -8.14
N THR A 159 8.35 16.15 -8.87
CA THR A 159 9.08 16.10 -10.13
C THR A 159 10.56 16.03 -9.90
N HIS A 160 11.03 16.27 -8.67
CA HIS A 160 12.45 16.17 -8.35
C HIS A 160 12.74 14.89 -7.55
N VAL A 161 11.71 14.09 -7.35
CA VAL A 161 11.86 12.80 -6.68
C VAL A 161 12.05 11.80 -7.81
N PRO A 162 13.29 11.32 -7.99
CA PRO A 162 13.59 10.69 -9.30
C PRO A 162 12.59 9.56 -9.62
N ARG A 163 12.43 8.59 -8.76
CA ARG A 163 11.68 7.45 -9.22
C ARG A 163 10.18 7.66 -9.29
N ALA A 164 9.74 8.83 -8.87
CA ALA A 164 8.32 9.18 -8.92
C ALA A 164 7.88 9.40 -10.36
N VAL A 165 8.76 9.98 -11.18
CA VAL A 165 8.40 10.39 -12.52
C VAL A 165 8.96 9.54 -13.64
N ASP A 166 9.60 8.43 -13.29
CA ASP A 166 10.30 7.58 -14.27
C ASP A 166 9.41 6.56 -14.91
N TRP A 167 9.44 6.56 -16.23
CA TRP A 167 8.66 5.63 -17.01
C TRP A 167 9.08 4.21 -16.72
N ALA A 168 10.36 4.00 -16.49
CA ALA A 168 10.91 2.68 -16.34
C ALA A 168 10.75 2.10 -14.94
N GLN A 169 10.46 2.95 -13.97
CA GLN A 169 9.97 2.49 -12.69
C GLN A 169 8.47 2.45 -12.47
N ALA A 170 7.69 2.55 -13.54
CA ALA A 170 6.22 2.67 -13.44
C ALA A 170 5.81 3.68 -12.30
N GLY A 171 6.32 4.88 -12.39
CA GLY A 171 5.91 5.98 -11.54
C GLY A 171 4.73 6.65 -12.21
N GLY A 172 4.51 7.92 -11.88
CA GLY A 172 3.28 8.58 -12.29
C GLY A 172 2.35 8.84 -11.15
N ALA A 173 1.39 9.75 -11.34
CA ALA A 173 0.46 10.09 -10.29
C ALA A 173 -0.38 8.89 -9.87
N LEU A 174 -0.79 8.05 -10.81
CA LEU A 174 -1.73 6.98 -10.44
C LEU A 174 -1.07 5.93 -9.54
N LEU A 175 0.12 5.47 -9.95
CA LEU A 175 0.73 4.35 -9.30
C LEU A 175 1.44 4.75 -8.01
N ASP A 176 1.78 6.03 -7.87
CA ASP A 176 2.36 6.48 -6.62
C ASP A 176 1.35 7.05 -5.64
N LEU A 177 0.33 7.74 -6.12
CA LEU A 177 -0.58 8.45 -5.23
C LEU A 177 -2.04 8.03 -5.48
N GLY A 178 -2.44 7.80 -6.73
CA GLY A 178 -3.80 7.40 -7.01
C GLY A 178 -4.21 6.16 -6.24
N ILE A 179 -3.25 5.28 -6.03
CA ILE A 179 -3.53 4.03 -5.33
C ILE A 179 -4.14 4.27 -3.93
N TYR A 180 -3.71 5.36 -3.31
CA TYR A 180 -4.29 5.65 -2.03
C TYR A 180 -5.72 6.15 -2.14
N CYS A 181 -5.99 6.93 -3.17
CA CYS A 181 -7.36 7.34 -3.41
C CYS A 181 -8.31 6.18 -3.77
N VAL A 182 -7.87 5.26 -4.63
CA VAL A 182 -8.70 4.15 -4.97
C VAL A 182 -8.94 3.30 -3.72
N GLN A 183 -7.89 3.02 -2.94
CA GLN A 183 -8.13 2.12 -1.83
C GLN A 183 -9.11 2.78 -0.85
N PHE A 184 -9.02 4.09 -0.66
CA PHE A 184 -9.90 4.74 0.26
C PHE A 184 -11.36 4.67 -0.21
N ILE A 185 -11.57 5.03 -1.48
CA ILE A 185 -12.88 4.97 -2.01
C ILE A 185 -13.46 3.57 -1.95
N SER A 186 -12.67 2.57 -2.25
CA SER A 186 -13.10 1.18 -2.21
C SER A 186 -13.48 0.79 -0.76
N MET A 187 -12.67 1.23 0.18
CA MET A 187 -12.93 0.92 1.57
C MET A 187 -14.26 1.50 1.99
N VAL A 188 -14.56 2.74 1.62
CA VAL A 188 -15.78 3.31 2.18
C VAL A 188 -17.01 2.64 1.60
N PHE A 189 -16.90 2.11 0.39
CA PHE A 189 -18.05 1.46 -0.25
C PHE A 189 -17.93 -0.10 -0.24
N GLY A 190 -17.40 -0.66 0.85
CA GLY A 190 -17.48 -2.11 1.08
C GLY A 190 -16.69 -2.94 0.10
N GLY A 191 -15.66 -2.38 -0.55
CA GLY A 191 -14.88 -3.15 -1.51
C GLY A 191 -15.67 -3.60 -2.75
N GLN A 192 -16.74 -2.88 -3.10
CA GLN A 192 -17.61 -3.33 -4.19
C GLN A 192 -17.06 -2.85 -5.48
N LYS A 193 -17.43 -3.54 -6.54
CA LYS A 193 -16.89 -3.26 -7.81
C LYS A 193 -17.65 -2.05 -8.43
N PRO A 194 -16.94 -1.03 -8.94
CA PRO A 194 -17.63 0.07 -9.63
C PRO A 194 -18.43 -0.37 -10.84
N GLU A 195 -19.54 0.35 -11.08
CA GLU A 195 -20.41 0.12 -12.22
C GLU A 195 -19.90 0.84 -13.47
N LYS A 196 -19.08 1.87 -13.24
CA LYS A 196 -18.66 2.76 -14.29
C LYS A 196 -17.52 3.70 -13.81
N ILE A 197 -16.59 4.02 -14.71
CA ILE A 197 -15.47 4.90 -14.38
C ILE A 197 -15.32 5.97 -15.47
N SER A 198 -15.11 7.24 -15.11
CA SER A 198 -14.72 8.27 -16.11
C SER A 198 -13.48 8.95 -15.68
N VAL A 199 -12.64 9.27 -16.65
CA VAL A 199 -11.34 9.74 -16.33
C VAL A 199 -11.03 10.96 -17.20
N MET A 200 -10.35 11.95 -16.60
CA MET A 200 -9.69 12.98 -17.37
C MET A 200 -8.29 13.12 -16.79
N GLY A 201 -7.28 13.35 -17.61
CA GLY A 201 -6.03 13.77 -17.01
C GLY A 201 -5.01 14.12 -18.06
N ARG A 202 -3.80 14.44 -17.64
CA ARG A 202 -2.78 14.63 -18.62
C ARG A 202 -1.48 13.96 -18.29
N ARG A 203 -0.61 13.94 -19.30
CA ARG A 203 0.67 13.30 -19.17
C ARG A 203 1.74 14.23 -18.66
N HIS A 204 2.81 13.64 -18.15
CA HIS A 204 4.01 14.37 -17.76
C HIS A 204 5.06 14.06 -18.80
N GLU A 205 6.05 14.93 -19.01
CA GLU A 205 7.06 14.78 -20.11
C GLU A 205 8.04 13.64 -19.95
N THR A 206 8.00 12.94 -18.83
CA THR A 206 8.95 11.89 -18.62
C THR A 206 8.33 10.55 -18.94
N GLY A 207 7.12 10.49 -19.53
CA GLY A 207 6.50 9.19 -19.90
C GLY A 207 5.44 8.60 -18.96
N VAL A 208 5.08 9.32 -17.91
CA VAL A 208 4.14 8.85 -16.92
C VAL A 208 2.94 9.81 -16.91
N ASP A 209 1.96 9.53 -16.07
CA ASP A 209 0.88 10.46 -15.82
C ASP A 209 1.16 11.58 -14.80
N ASP A 210 0.61 12.74 -15.07
CA ASP A 210 0.87 13.98 -14.34
C ASP A 210 -0.24 14.24 -13.32
N THR A 211 -1.47 14.32 -13.81
CA THR A 211 -2.59 14.77 -13.04
C THR A 211 -3.83 14.10 -13.60
N VAL A 212 -4.57 13.41 -12.75
CA VAL A 212 -5.65 12.55 -13.18
C VAL A 212 -6.78 12.66 -12.18
N THR A 213 -7.98 12.93 -12.69
CA THR A 213 -9.19 12.83 -11.91
C THR A 213 -10.09 11.71 -12.42
N VAL A 214 -10.79 11.07 -11.51
CA VAL A 214 -11.58 9.89 -11.81
C VAL A 214 -12.90 10.00 -11.10
N LEU A 215 -13.98 9.59 -11.77
CA LEU A 215 -15.34 9.52 -11.25
C LEU A 215 -15.71 8.04 -11.24
N LEU A 216 -16.13 7.47 -10.09
CA LEU A 216 -16.51 6.02 -10.03
C LEU A 216 -17.92 5.86 -9.60
N GLN A 217 -18.72 5.21 -10.42
CA GLN A 217 -20.08 4.97 -10.02
C GLN A 217 -20.11 3.67 -9.20
N TYR A 218 -20.65 3.71 -8.00
CA TYR A 218 -20.73 2.52 -7.16
C TYR A 218 -22.20 2.07 -7.01
N PRO A 219 -22.41 0.79 -6.66
CA PRO A 219 -23.79 0.33 -6.58
C PRO A 219 -24.57 1.07 -5.52
N GLY A 220 -25.89 1.11 -5.70
CA GLY A 220 -26.77 1.59 -4.67
C GLY A 220 -26.75 3.09 -4.76
N GLU A 221 -26.36 3.60 -5.92
CA GLU A 221 -26.59 4.99 -6.21
C GLU A 221 -25.71 5.92 -5.34
N VAL A 222 -24.42 5.58 -5.21
CA VAL A 222 -23.45 6.40 -4.53
C VAL A 222 -22.24 6.40 -5.46
N HIS A 223 -21.37 7.40 -5.30
CA HIS A 223 -20.22 7.55 -6.14
C HIS A 223 -19.01 8.17 -5.44
N GLY A 224 -17.85 7.90 -6.00
CA GLY A 224 -16.64 8.60 -5.63
C GLY A 224 -15.95 9.36 -6.73
N SER A 225 -15.14 10.32 -6.32
CA SER A 225 -14.22 10.98 -7.22
C SER A 225 -12.92 11.15 -6.49
N PHE A 226 -11.82 11.10 -7.22
CA PHE A 226 -10.56 11.51 -6.68
C PHE A 226 -9.69 12.25 -7.70
N THR A 227 -8.66 12.93 -7.18
CA THR A 227 -7.69 13.62 -8.02
C THR A 227 -6.32 13.32 -7.47
N CYS A 228 -5.37 12.98 -8.34
CA CYS A 228 -4.01 12.81 -7.89
C CYS A 228 -3.10 13.50 -8.88
N SER A 229 -1.89 13.84 -8.43
CA SER A 229 -1.01 14.61 -9.26
C SER A 229 0.39 14.46 -8.79
N ILE A 230 1.32 14.40 -9.73
CA ILE A 230 2.74 14.55 -9.35
C ILE A 230 3.36 15.96 -9.55
N THR A 231 2.53 16.94 -9.92
CA THR A 231 3.00 18.30 -10.01
C THR A 231 2.20 19.23 -9.10
N ALA A 232 0.88 19.04 -8.99
CA ALA A 232 0.06 20.00 -8.27
C ALA A 232 -0.22 19.58 -6.83
N GLN A 233 0.15 20.41 -5.86
CA GLN A 233 -0.30 20.24 -4.47
C GLN A 233 -1.82 20.24 -4.41
N LEU A 234 -2.38 19.26 -3.70
CA LEU A 234 -3.81 19.26 -3.43
C LEU A 234 -4.05 19.30 -1.94
N SER A 235 -5.31 19.20 -1.53
CA SER A 235 -5.60 19.36 -0.11
C SER A 235 -5.20 18.11 0.66
N ASN A 236 -5.05 17.01 -0.07
CA ASN A 236 -4.61 15.75 0.55
C ASN A 236 -5.45 15.23 1.74
N THR A 237 -6.76 15.40 1.61
CA THR A 237 -7.75 14.88 2.55
C THR A 237 -8.63 13.86 1.87
N ALA A 238 -9.46 13.15 2.62
CA ALA A 238 -10.37 12.22 2.01
C ALA A 238 -11.59 12.32 2.87
N SER A 239 -12.75 12.26 2.24
CA SER A 239 -14.00 12.35 2.94
C SER A 239 -15.04 11.36 2.47
N VAL A 240 -16.04 11.16 3.31
CA VAL A 240 -17.24 10.46 2.92
C VAL A 240 -18.46 11.12 3.55
N SER A 241 -19.53 11.25 2.80
CA SER A 241 -20.73 11.92 3.30
C SER A 241 -22.05 11.21 3.02
N GLY A 242 -22.96 11.28 3.98
CA GLY A 242 -24.31 10.82 3.77
C GLY A 242 -25.32 11.80 4.33
N THR A 243 -26.57 11.35 4.37
CA THR A 243 -27.66 12.17 4.79
C THR A 243 -27.55 12.80 6.18
N LYS A 244 -26.66 12.33 7.05
CA LYS A 244 -26.54 12.96 8.37
C LYS A 244 -25.20 13.57 8.61
N GLY A 245 -24.29 13.56 7.64
CA GLY A 245 -23.06 14.31 7.77
C GLY A 245 -21.83 13.75 7.06
N MET A 246 -20.68 14.39 7.33
CA MET A 246 -19.41 14.09 6.67
C MET A 246 -18.37 13.59 7.70
N ALA A 247 -17.54 12.65 7.26
CA ALA A 247 -16.36 12.19 7.99
C ALA A 247 -15.16 12.43 7.08
N GLN A 248 -14.06 12.82 7.67
CA GLN A 248 -12.94 13.29 6.87
C GLN A 248 -11.59 12.91 7.56
N LEU A 249 -10.69 12.34 6.76
CA LEU A 249 -9.35 12.09 7.21
C LEU A 249 -8.51 13.27 6.74
N LEU A 250 -7.97 14.03 7.69
CA LEU A 250 -7.17 15.20 7.37
C LEU A 250 -5.79 14.90 6.75
N ASN A 251 -5.25 15.88 6.04
CA ASN A 251 -3.89 15.84 5.55
C ASN A 251 -2.92 15.52 6.69
N PRO A 252 -2.08 14.47 6.54
CA PRO A 252 -1.90 13.62 5.35
C PRO A 252 -2.86 12.40 5.31
N CYS A 253 -3.73 12.36 4.30
CA CYS A 253 -4.76 11.33 4.27
C CYS A 253 -4.20 9.96 4.07
N TRP A 254 -2.98 9.82 3.53
CA TRP A 254 -2.43 8.49 3.25
C TRP A 254 -1.76 7.84 4.47
N CYS A 255 -1.60 8.61 5.53
CA CYS A 255 -1.08 8.09 6.78
C CYS A 255 -1.70 8.95 7.91
N PRO A 256 -3.06 8.87 8.05
CA PRO A 256 -3.84 9.86 8.81
C PRO A 256 -3.78 9.66 10.30
N THR A 257 -3.75 10.79 11.01
CA THR A 257 -3.78 10.81 12.45
C THR A 257 -4.94 11.63 12.95
N GLU A 258 -5.76 12.20 12.06
CA GLU A 258 -6.89 12.96 12.54
C GLU A 258 -8.12 12.59 11.76
N LEU A 259 -9.22 12.35 12.48
CA LEU A 259 -10.51 12.04 11.92
C LEU A 259 -11.47 13.14 12.37
N VAL A 260 -12.22 13.74 11.45
CA VAL A 260 -13.24 14.71 11.81
C VAL A 260 -14.58 14.10 11.36
N VAL A 261 -15.50 13.91 12.34
CA VAL A 261 -16.81 13.33 12.08
C VAL A 261 -17.87 14.30 12.53
N LYS A 262 -18.62 14.84 11.62
CA LYS A 262 -19.64 15.82 11.99
C LYS A 262 -19.13 16.95 12.85
N GLY A 263 -17.94 17.48 12.56
CA GLY A 263 -17.43 18.63 13.27
C GLY A 263 -16.54 18.25 14.44
N GLU A 264 -16.75 17.08 14.99
CA GLU A 264 -15.99 16.56 16.13
C GLU A 264 -14.58 16.00 15.72
N HIS A 265 -13.48 16.63 16.16
CA HIS A 265 -12.11 16.15 15.92
C HIS A 265 -11.66 15.04 16.87
N LYS A 266 -10.86 14.12 16.37
CA LYS A 266 -10.27 13.06 17.17
C LYS A 266 -8.86 12.80 16.63
N GLU A 267 -7.87 12.81 17.51
CA GLU A 267 -6.48 12.63 17.13
C GLU A 267 -6.04 11.24 17.61
N PHE A 268 -5.18 10.59 16.84
CA PHE A 268 -4.71 9.24 17.10
C PHE A 268 -3.22 9.29 16.90
N LEU A 269 -2.47 9.36 17.98
CA LEU A 269 -1.03 9.59 17.84
C LEU A 269 -0.29 8.36 17.28
N LEU A 270 0.75 8.67 16.52
CA LEU A 270 1.69 7.68 16.02
C LEU A 270 2.52 7.03 17.15
N PRO A 271 3.03 5.82 16.93
CA PRO A 271 4.00 5.31 17.93
C PRO A 271 5.18 6.31 18.08
N PRO A 272 5.87 6.32 19.21
CA PRO A 272 6.95 7.27 19.43
C PRO A 272 8.17 7.08 18.54
N VAL A 273 8.49 5.84 18.24
CA VAL A 273 9.67 5.50 17.48
C VAL A 273 9.28 4.63 16.30
N PRO A 274 10.00 4.71 15.18
CA PRO A 274 11.25 5.45 15.06
C PRO A 274 11.02 6.88 14.63
N LYS A 275 12.06 7.71 14.62
CA LYS A 275 11.79 9.17 14.53
C LYS A 275 12.24 9.79 13.21
N ASN A 276 13.30 9.27 12.60
CA ASN A 276 13.71 9.96 11.38
C ASN A 276 13.47 9.11 10.16
N CYS A 277 12.20 8.92 9.86
CA CYS A 277 11.91 7.98 8.81
C CYS A 277 12.10 8.69 7.47
N ASN A 278 12.48 7.94 6.46
CA ASN A 278 12.52 8.49 5.11
C ASN A 278 11.21 9.11 4.65
N PHE A 279 10.06 8.53 5.02
CA PHE A 279 8.76 9.01 4.51
C PHE A 279 7.92 9.50 5.64
N ASP A 280 7.04 10.50 5.43
CA ASP A 280 6.35 10.92 6.62
C ASP A 280 5.38 9.97 7.25
N ASN A 281 5.36 10.05 8.57
CA ASN A 281 4.52 9.24 9.43
C ASN A 281 4.95 7.80 9.33
N GLY A 282 6.16 7.55 8.86
CA GLY A 282 6.67 6.19 8.65
C GLY A 282 6.47 5.22 9.81
N ALA A 283 6.46 5.75 11.04
CA ALA A 283 6.21 4.91 12.24
C ALA A 283 4.92 4.13 12.12
N GLY A 284 3.99 4.65 11.33
CA GLY A 284 2.67 4.02 11.18
C GLY A 284 2.76 2.71 10.42
N MET A 285 3.92 2.40 9.88
CA MET A 285 4.08 1.06 9.28
C MET A 285 3.88 -0.04 10.33
N SER A 286 4.00 0.30 11.64
CA SER A 286 3.87 -0.74 12.65
C SER A 286 2.50 -1.39 12.57
N TYR A 287 1.46 -0.60 12.26
CA TYR A 287 0.13 -1.17 12.34
C TYR A 287 -0.04 -2.37 11.39
N GLU A 288 0.46 -2.28 10.17
CA GLU A 288 0.36 -3.39 9.25
C GLU A 288 1.27 -4.58 9.65
N ALA A 289 2.46 -4.28 10.17
CA ALA A 289 3.34 -5.30 10.68
C ALA A 289 2.61 -6.12 11.75
N LYS A 290 1.95 -5.42 12.66
CA LYS A 290 1.24 -6.12 13.71
C LYS A 290 0.12 -6.86 13.04
N HIS A 291 -0.51 -6.29 12.02
CA HIS A 291 -1.58 -7.00 11.35
C HIS A 291 -1.18 -8.33 10.69
N VAL A 292 -0.05 -8.35 10.00
CA VAL A 292 0.44 -9.57 9.38
C VAL A 292 0.65 -10.67 10.48
N ARG A 293 1.28 -10.31 11.60
CA ARG A 293 1.45 -11.28 12.67
C ARG A 293 0.12 -11.92 13.18
N GLU A 294 -0.86 -11.10 13.54
CA GLU A 294 -2.16 -11.64 13.92
C GLU A 294 -2.73 -12.59 12.87
N CYS A 295 -2.64 -12.20 11.58
CA CYS A 295 -3.22 -13.06 10.51
C CYS A 295 -2.51 -14.42 10.49
N LEU A 296 -1.17 -14.39 10.54
CA LEU A 296 -0.42 -15.60 10.49
C LEU A 296 -0.69 -16.45 11.72
N ARG A 297 -0.76 -15.81 12.89
CA ARG A 297 -1.10 -16.52 14.10
C ARG A 297 -2.43 -17.20 14.03
N LYS A 298 -3.44 -16.59 13.44
CA LYS A 298 -4.72 -17.30 13.30
C LYS A 298 -4.69 -18.25 12.10
N GLY A 299 -3.57 -18.41 11.42
CA GLY A 299 -3.49 -19.30 10.25
C GLY A 299 -4.19 -18.78 8.99
N LEU A 300 -4.48 -17.46 8.90
CA LEU A 300 -5.11 -16.90 7.70
C LEU A 300 -4.14 -16.93 6.50
N LYS A 301 -4.70 -17.04 5.28
CA LYS A 301 -3.91 -17.02 4.07
C LYS A 301 -4.05 -15.71 3.38
N GLU A 302 -4.78 -14.78 4.01
CA GLU A 302 -4.91 -13.40 3.54
C GLU A 302 -5.53 -12.54 4.64
N SER A 303 -5.53 -11.23 4.43
CA SER A 303 -6.09 -10.26 5.36
C SER A 303 -7.58 -10.05 5.11
N PRO A 304 -8.40 -10.13 6.14
CA PRO A 304 -9.77 -9.62 5.88
C PRO A 304 -9.87 -8.13 5.61
N VAL A 305 -8.80 -7.37 5.87
CA VAL A 305 -8.90 -5.92 5.75
C VAL A 305 -8.52 -5.49 4.35
N ILE A 306 -7.53 -6.17 3.74
CA ILE A 306 -7.24 -6.07 2.30
C ILE A 306 -7.17 -7.43 1.67
N PRO A 307 -8.35 -8.00 1.39
CA PRO A 307 -8.39 -9.34 0.81
C PRO A 307 -7.81 -9.36 -0.61
N LEU A 308 -7.24 -10.50 -1.01
CA LEU A 308 -6.66 -10.61 -2.35
C LEU A 308 -7.64 -10.26 -3.47
N VAL A 309 -8.90 -10.61 -3.28
CA VAL A 309 -9.87 -10.32 -4.31
C VAL A 309 -10.10 -8.81 -4.48
N GLU A 310 -9.87 -8.03 -3.42
CA GLU A 310 -9.89 -6.59 -3.52
C GLU A 310 -8.62 -5.93 -4.11
N SER A 311 -7.45 -6.41 -3.71
CA SER A 311 -6.21 -6.05 -4.36
C SER A 311 -6.33 -6.23 -5.88
N GLU A 312 -7.01 -7.28 -6.33
CA GLU A 312 -7.21 -7.52 -7.76
C GLU A 312 -8.12 -6.43 -8.35
N LEU A 313 -9.24 -6.13 -7.67
CA LEU A 313 -10.17 -5.08 -8.10
C LEU A 313 -9.44 -3.71 -8.12
N LEU A 314 -8.63 -3.43 -7.09
CA LEU A 314 -7.93 -2.14 -7.05
C LEU A 314 -6.99 -2.03 -8.28
N ALA A 315 -6.32 -3.13 -8.62
CA ALA A 315 -5.44 -3.20 -9.77
C ALA A 315 -6.27 -3.10 -11.08
N ASP A 316 -7.44 -3.74 -11.16
CA ASP A 316 -8.34 -3.54 -12.32
C ASP A 316 -8.74 -2.11 -12.55
N ILE A 317 -9.09 -1.45 -11.44
CA ILE A 317 -9.57 -0.08 -11.52
C ILE A 317 -8.46 0.83 -12.02
N LEU A 318 -7.28 0.65 -11.44
CA LEU A 318 -6.14 1.55 -11.68
C LEU A 318 -5.66 1.45 -13.14
N GLU A 319 -5.64 0.23 -13.64
CA GLU A 319 -5.25 -0.06 -15.00
C GLU A 319 -6.30 0.42 -16.00
N GLU A 320 -7.58 0.31 -15.63
CA GLU A 320 -8.62 0.86 -16.49
C GLU A 320 -8.50 2.36 -16.56
N VAL A 321 -8.17 2.99 -15.42
CA VAL A 321 -7.96 4.41 -15.37
C VAL A 321 -6.81 4.78 -16.28
N ARG A 322 -5.65 4.19 -16.11
CA ARG A 322 -4.58 4.66 -16.98
C ARG A 322 -4.70 4.22 -18.45
N ARG A 323 -5.41 3.16 -18.73
CA ARG A 323 -5.76 2.90 -20.10
C ARG A 323 -6.69 3.92 -20.75
N ALA A 324 -7.61 4.47 -19.98
CA ALA A 324 -8.50 5.56 -20.45
C ALA A 324 -7.76 6.80 -20.90
N ILE A 325 -6.61 7.09 -20.33
CA ILE A 325 -5.87 8.24 -20.79
C ILE A 325 -4.62 7.89 -21.58
N GLY A 326 -4.49 6.61 -21.95
CA GLY A 326 -3.49 6.13 -22.91
C GLY A 326 -2.15 5.78 -22.33
N VAL A 327 -2.01 5.76 -21.02
CA VAL A 327 -0.67 5.54 -20.43
C VAL A 327 -0.43 4.05 -20.32
N THR A 328 0.57 3.58 -21.06
CA THR A 328 0.94 2.16 -21.09
C THR A 328 2.41 1.92 -20.67
N PHE A 329 2.59 0.74 -20.06
CA PHE A 329 3.87 0.22 -19.64
C PHE A 329 4.15 -1.02 -20.52
N PRO A 330 5.45 -1.35 -20.77
CA PRO A 330 5.76 -2.62 -21.53
C PRO A 330 4.96 -3.89 -21.03
N GLN A 331 4.85 -4.06 -19.70
CA GLN A 331 4.11 -5.18 -19.08
C GLN A 331 2.66 -5.35 -19.50
N ASP A 332 2.06 -4.37 -20.17
CA ASP A 332 0.65 -4.56 -20.59
C ASP A 332 0.51 -5.44 -21.86
#